data_4JVY
#
_entry.id   4JVY
#
_cell.length_a   142.274
_cell.length_b   142.274
_cell.length_c   76.652
_cell.angle_alpha   90.000
_cell.angle_beta   90.000
_cell.angle_gamma   120.000
#
_symmetry.space_group_name_H-M   'P 31 2 1'
#
loop_
_entity.id
_entity.type
_entity.pdbx_description
1 polymer 'Female germline-specific tumor suppressor gld-1'
2 polymer "RNA (5'-R(P*CP*UP*AP*AP*CP*AP*A)-3')"
3 water water
#
loop_
_entity_poly.entity_id
_entity_poly.type
_entity_poly.pdbx_seq_one_letter_code
_entity_poly.pdbx_strand_id
1 'polypeptide(L)'
;SHEATVEYLADLVKEKKHLTLFPHMFSNVERLLDDEIGRVRVALFQTEFPRVELPEPAGDMISITEKIYVPKNEYPDYNF
VGRILGPRGMTAKQLEQDTGCKIMVRGKGSMRDKSKESAHRGKANWEHLEDDLHVLVQCEDTENRVHIKLQAALEQVKKL
LIPAPEGTDELKRKQLMELAIINGTYRPMKSPNPAR
;
A,B
2 'polyribonucleotide' CUAACAA D,F
#
# COMPACT_ATOMS: atom_id res chain seq x y z
N SER A 1 -4.47 1.38 -3.51
CA SER A 1 -3.49 2.34 -3.96
C SER A 1 -3.91 2.96 -5.27
N HIS A 2 -3.92 4.29 -5.29
CA HIS A 2 -4.16 5.08 -6.49
C HIS A 2 -3.11 4.74 -7.56
N GLU A 3 -3.53 4.66 -8.81
CA GLU A 3 -2.61 4.45 -9.95
C GLU A 3 -1.44 5.43 -9.88
N ALA A 4 -0.21 4.94 -10.07
CA ALA A 4 0.94 5.84 -10.07
C ALA A 4 1.14 6.44 -11.46
N THR A 5 0.61 7.65 -11.65
CA THR A 5 0.88 8.38 -12.88
C THR A 5 1.66 9.66 -12.53
N VAL A 6 2.24 10.29 -13.54
CA VAL A 6 2.94 11.54 -13.31
C VAL A 6 1.94 12.61 -12.90
N GLU A 7 0.76 12.57 -13.52
CA GLU A 7 -0.30 13.52 -13.25
C GLU A 7 -0.65 13.48 -11.77
N TYR A 8 -0.82 12.26 -11.25
CA TYR A 8 -1.05 12.04 -9.82
C TYR A 8 0.06 12.60 -8.93
N LEU A 9 1.31 12.26 -9.24
CA LEU A 9 2.44 12.77 -8.46
C LEU A 9 2.44 14.30 -8.36
N ALA A 10 2.19 14.97 -9.50
CA ALA A 10 2.01 16.42 -9.54
C ALA A 10 0.93 16.90 -8.57
N ASP A 11 -0.22 16.23 -8.62
CA ASP A 11 -1.31 16.49 -7.68
C ASP A 11 -0.82 16.39 -6.22
N LEU A 12 -0.19 15.27 -5.87
CA LEU A 12 0.29 15.08 -4.49
C LEU A 12 1.27 16.15 -4.08
N VAL A 13 2.14 16.54 -5.00
CA VAL A 13 3.14 17.56 -4.74
C VAL A 13 2.50 18.93 -4.47
N LYS A 14 1.53 19.35 -5.29
CA LYS A 14 0.89 20.65 -5.06
C LYS A 14 0.22 20.64 -3.70
N GLU A 15 -0.40 19.51 -3.34
CA GLU A 15 -0.96 19.35 -2.00
C GLU A 15 0.10 19.45 -0.90
N LYS A 16 1.24 18.80 -1.14
CA LYS A 16 2.33 18.79 -0.18
C LYS A 16 2.90 20.18 0.05
N LYS A 17 2.85 21.02 -0.98
CA LYS A 17 3.33 22.40 -0.87
C LYS A 17 2.46 23.16 0.12
N HIS A 18 1.15 22.91 0.07
CA HIS A 18 0.22 23.59 0.96
C HIS A 18 0.21 22.98 2.37
N LEU A 19 0.20 21.64 2.43
CA LEU A 19 0.10 20.92 3.68
C LEU A 19 1.28 21.17 4.62
N THR A 20 2.44 21.52 4.09
CA THR A 20 3.66 21.57 4.89
C THR A 20 3.80 22.91 5.62
N LEU A 21 2.89 23.80 5.35
CA LEU A 21 2.75 25.04 6.05
C LEU A 21 2.26 24.85 7.47
N PHE A 22 1.54 23.77 7.71
CA PHE A 22 1.04 23.48 9.02
C PHE A 22 1.56 22.15 9.41
N PRO A 23 2.80 22.14 9.77
CA PRO A 23 3.49 20.93 10.11
C PRO A 23 3.07 20.31 11.40
N HIS A 24 2.35 21.01 12.25
CA HIS A 24 1.98 20.54 13.58
C HIS A 24 0.56 20.04 13.61
N MET A 25 -0.32 20.88 13.09
CA MET A 25 -1.74 20.58 13.00
C MET A 25 -1.94 19.31 12.21
N PHE A 26 -1.03 19.11 11.24
CA PHE A 26 -1.15 18.08 10.24
C PHE A 26 0.03 17.11 10.22
N SER A 27 0.67 16.93 11.37
CA SER A 27 1.87 16.10 11.45
C SER A 27 1.69 14.68 10.93
N ASN A 28 0.59 14.04 11.30
CA ASN A 28 0.35 12.66 10.88
C ASN A 28 0.08 12.57 9.41
N VAL A 29 -0.79 13.45 8.95
CA VAL A 29 -1.21 13.35 7.57
C VAL A 29 -0.10 13.81 6.60
N GLU A 30 0.85 14.62 7.08
CA GLU A 30 1.99 14.98 6.22
C GLU A 30 2.88 13.75 6.02
N ARG A 31 3.07 12.99 7.08
CA ARG A 31 3.82 11.76 7.00
C ARG A 31 3.16 10.80 6.02
N LEU A 32 1.86 10.57 6.20
CA LEU A 32 1.09 9.78 5.24
C LEU A 32 1.30 10.21 3.79
N LEU A 33 1.30 11.53 3.55
CA LEU A 33 1.45 12.05 2.20
C LEU A 33 2.90 11.88 1.69
N ASP A 34 3.89 12.12 2.54
CA ASP A 34 5.28 11.82 2.21
C ASP A 34 5.45 10.36 1.74
N ASP A 35 5.01 9.41 2.57
CA ASP A 35 4.85 7.99 2.20
C ASP A 35 4.32 7.77 0.79
N GLU A 36 3.15 8.33 0.50
CA GLU A 36 2.50 8.12 -0.78
C GLU A 36 3.27 8.75 -1.94
N ILE A 37 3.80 9.95 -1.74
CA ILE A 37 4.64 10.59 -2.73
C ILE A 37 5.87 9.70 -3.00
N GLY A 38 6.48 9.21 -1.94
CA GLY A 38 7.63 8.35 -2.08
C GLY A 38 7.31 7.08 -2.84
N ARG A 39 6.15 6.50 -2.54
CA ARG A 39 5.74 5.27 -3.19
C ARG A 39 5.52 5.46 -4.69
N VAL A 40 4.88 6.57 -5.04
CA VAL A 40 4.53 6.89 -6.41
C VAL A 40 5.79 7.19 -7.20
N ARG A 41 6.76 7.84 -6.58
CA ARG A 41 8.03 8.15 -7.23
C ARG A 41 8.74 6.85 -7.58
N VAL A 42 8.74 5.94 -6.63
CA VAL A 42 9.45 4.69 -6.81
C VAL A 42 8.86 3.89 -7.97
N ALA A 43 7.54 3.81 -8.02
CA ALA A 43 6.85 3.10 -9.09
C ALA A 43 7.05 3.74 -10.47
N LEU A 44 7.20 5.07 -10.50
CA LEU A 44 7.33 5.80 -11.77
C LEU A 44 8.73 5.69 -12.35
N PHE A 45 9.73 6.00 -11.53
CA PHE A 45 11.09 6.27 -11.99
C PHE A 45 12.11 5.16 -11.72
N GLN A 46 11.99 4.50 -10.58
CA GLN A 46 12.96 3.51 -10.18
C GLN A 46 12.78 2.26 -11.03
N THR A 47 13.85 1.87 -11.70
CA THR A 47 13.89 0.61 -12.42
C THR A 47 14.84 -0.24 -11.60
N GLU A 48 14.47 -1.48 -11.38
CA GLU A 48 15.28 -2.32 -10.52
C GLU A 48 15.83 -3.55 -11.27
N PHE A 49 17.02 -3.96 -10.85
CA PHE A 49 17.71 -5.07 -11.48
C PHE A 49 17.46 -6.29 -10.63
N PRO A 50 17.40 -7.47 -11.25
CA PRO A 50 17.21 -8.73 -10.51
C PRO A 50 18.21 -8.86 -9.35
N ARG A 51 17.74 -9.31 -8.19
CA ARG A 51 18.64 -9.62 -7.07
C ARG A 51 18.93 -11.11 -7.06
N VAL A 52 20.17 -11.48 -6.77
CA VAL A 52 20.55 -12.89 -6.81
C VAL A 52 20.67 -13.49 -5.40
N GLU A 53 20.40 -14.79 -5.27
CA GLU A 53 20.44 -15.43 -3.96
C GLU A 53 21.83 -15.96 -3.65
N LEU A 54 22.29 -15.68 -2.44
CA LEU A 54 23.66 -15.94 -2.04
C LEU A 54 23.75 -16.93 -0.88
N PRO A 55 24.78 -17.80 -0.90
CA PRO A 55 25.04 -18.62 0.30
C PRO A 55 25.51 -17.73 1.44
N GLU A 56 25.64 -18.31 2.63
CA GLU A 56 26.25 -17.61 3.73
C GLU A 56 27.74 -17.62 3.48
N PRO A 57 28.45 -16.59 3.98
CA PRO A 57 29.90 -16.47 3.70
C PRO A 57 30.67 -17.73 4.07
N ALA A 58 31.57 -18.16 3.20
CA ALA A 58 32.46 -19.27 3.46
C ALA A 58 33.65 -19.26 2.49
N GLY A 59 34.87 -19.29 3.02
CA GLY A 59 36.07 -19.33 2.20
C GLY A 59 36.84 -18.02 2.31
N ASP A 60 37.92 -17.89 1.55
CA ASP A 60 38.74 -16.68 1.61
C ASP A 60 38.02 -15.42 1.08
N MET A 61 38.41 -14.25 1.57
CA MET A 61 37.92 -13.00 1.00
C MET A 61 38.61 -12.70 -0.36
N ILE A 62 37.81 -12.28 -1.33
CA ILE A 62 38.30 -12.00 -2.67
C ILE A 62 37.79 -10.63 -3.12
N SER A 63 38.68 -9.82 -3.66
CA SER A 63 38.28 -8.60 -4.34
C SER A 63 38.54 -8.84 -5.83
N ILE A 64 37.55 -8.58 -6.68
CA ILE A 64 37.68 -8.82 -8.14
C ILE A 64 37.10 -7.67 -8.98
N THR A 65 37.85 -7.23 -9.99
CA THR A 65 37.41 -6.11 -10.84
C THR A 65 37.50 -6.46 -12.33
N GLU A 66 36.36 -6.49 -13.02
CA GLU A 66 36.31 -6.73 -14.47
C GLU A 66 36.24 -5.39 -15.23
N LYS A 67 36.92 -5.32 -16.37
CA LYS A 67 36.87 -4.11 -17.19
C LYS A 67 36.13 -4.44 -18.48
N ILE A 68 35.15 -3.62 -18.80
CA ILE A 68 34.32 -3.84 -19.97
C ILE A 68 34.33 -2.57 -20.82
N TYR A 69 34.91 -2.62 -22.03
CA TYR A 69 34.97 -1.39 -22.84
C TYR A 69 33.59 -1.01 -23.36
N VAL A 70 33.29 0.27 -23.35
CA VAL A 70 32.03 0.68 -23.94
C VAL A 70 32.25 0.81 -25.44
N PRO A 71 31.32 0.25 -26.23
CA PRO A 71 31.42 0.26 -27.70
C PRO A 71 31.16 1.67 -28.25
N LYS A 72 31.95 2.63 -27.79
CA LYS A 72 31.76 4.04 -28.16
C LYS A 72 31.95 4.19 -29.65
N ASN A 73 32.98 3.53 -30.20
CA ASN A 73 33.30 3.61 -31.63
C ASN A 73 32.21 3.09 -32.54
N GLU A 74 31.76 1.86 -32.30
CA GLU A 74 30.68 1.24 -33.04
C GLU A 74 29.41 2.09 -33.05
N TYR A 75 29.07 2.68 -31.90
CA TYR A 75 27.89 3.54 -31.77
C TYR A 75 28.25 4.95 -31.30
N PRO A 76 28.91 5.76 -32.16
CA PRO A 76 29.49 7.05 -31.74
C PRO A 76 28.52 8.07 -31.17
N ASP A 77 27.22 7.94 -31.41
CA ASP A 77 26.28 8.97 -30.98
C ASP A 77 25.50 8.61 -29.70
N TYR A 78 25.54 7.34 -29.31
CA TYR A 78 24.76 6.84 -28.18
C TYR A 78 25.44 7.21 -26.87
N ASN A 79 24.66 7.76 -25.95
CA ASN A 79 25.17 8.13 -24.64
C ASN A 79 25.00 6.98 -23.65
N PHE A 80 26.00 6.11 -23.58
CA PHE A 80 25.99 4.94 -22.71
C PHE A 80 26.19 5.30 -21.25
N VAL A 81 27.12 6.23 -21.01
CA VAL A 81 27.49 6.60 -19.65
C VAL A 81 26.32 7.27 -18.91
N GLY A 82 25.64 8.16 -19.62
CA GLY A 82 24.51 8.86 -19.03
C GLY A 82 23.41 7.91 -18.63
N ARG A 83 23.20 6.87 -19.42
CA ARG A 83 22.17 5.87 -19.11
C ARG A 83 22.59 4.90 -18.02
N ILE A 84 23.88 4.66 -17.87
CA ILE A 84 24.38 3.75 -16.83
C ILE A 84 24.28 4.47 -15.50
N LEU A 85 24.70 5.75 -15.47
CA LEU A 85 24.69 6.56 -14.26
C LEU A 85 23.27 6.96 -13.80
N GLY A 86 22.52 7.64 -14.68
CA GLY A 86 21.15 8.05 -14.36
C GLY A 86 21.15 9.40 -13.66
N PRO A 87 19.96 9.94 -13.35
CA PRO A 87 19.91 11.26 -12.68
C PRO A 87 20.54 11.14 -11.31
N ARG A 88 21.41 12.08 -10.97
CA ARG A 88 22.14 12.03 -9.70
C ARG A 88 22.84 10.69 -9.43
N GLY A 89 23.16 9.95 -10.49
CA GLY A 89 23.81 8.66 -10.35
C GLY A 89 22.91 7.59 -9.76
N MET A 90 21.60 7.84 -9.78
CA MET A 90 20.67 6.96 -9.10
C MET A 90 20.63 5.55 -9.66
N THR A 91 20.83 5.44 -10.99
CA THR A 91 20.69 4.14 -11.64
C THR A 91 21.87 3.28 -11.28
N ALA A 92 23.05 3.91 -11.25
CA ALA A 92 24.28 3.21 -10.92
C ALA A 92 24.20 2.75 -9.47
N LYS A 93 23.79 3.64 -8.58
CA LYS A 93 23.54 3.24 -7.18
C LYS A 93 22.54 2.08 -7.03
N GLN A 94 21.41 2.16 -7.72
CA GLN A 94 20.44 1.07 -7.73
C GLN A 94 21.11 -0.24 -8.12
N LEU A 95 21.90 -0.20 -9.19
CA LEU A 95 22.62 -1.38 -9.70
C LEU A 95 23.66 -1.88 -8.70
N GLU A 96 24.43 -0.95 -8.15
CA GLU A 96 25.41 -1.29 -7.11
C GLU A 96 24.71 -2.08 -6.00
N GLN A 97 23.67 -1.49 -5.40
CA GLN A 97 22.87 -2.16 -4.36
C GLN A 97 22.27 -3.53 -4.74
N ASP A 98 21.59 -3.59 -5.87
CA ASP A 98 20.89 -4.81 -6.24
C ASP A 98 21.82 -5.98 -6.51
N THR A 99 23.06 -5.67 -6.87
CA THR A 99 24.01 -6.71 -7.27
C THR A 99 25.17 -6.89 -6.31
N GLY A 100 25.40 -5.91 -5.44
CA GLY A 100 26.43 -6.02 -4.40
C GLY A 100 27.80 -5.66 -4.91
N CYS A 101 27.79 -4.92 -6.01
CA CYS A 101 29.00 -4.53 -6.69
C CYS A 101 29.21 -3.02 -6.69
N LYS A 102 30.37 -2.61 -7.18
CA LYS A 102 30.67 -1.20 -7.32
C LYS A 102 30.89 -0.89 -8.81
N ILE A 103 30.28 0.18 -9.30
CA ILE A 103 30.38 0.55 -10.71
C ILE A 103 31.22 1.80 -10.87
N MET A 104 32.27 1.75 -11.67
CA MET A 104 33.07 2.95 -11.91
C MET A 104 33.36 3.17 -13.37
N VAL A 105 32.97 4.34 -13.88
CA VAL A 105 33.23 4.67 -15.29
C VAL A 105 34.54 5.43 -15.42
N ARG A 106 35.39 4.96 -16.33
CA ARG A 106 36.78 5.40 -16.36
C ARG A 106 37.28 5.45 -17.79
N GLY A 107 38.45 6.05 -17.98
CA GLY A 107 39.06 6.11 -19.30
C GLY A 107 38.79 7.42 -20.03
N LYS A 108 39.15 7.47 -21.29
CA LYS A 108 39.08 8.69 -22.07
C LYS A 108 37.65 9.10 -22.32
N GLY A 109 37.35 10.37 -22.03
CA GLY A 109 36.00 10.90 -22.20
C GLY A 109 35.09 10.52 -21.04
N SER A 110 35.67 10.04 -19.95
CA SER A 110 34.86 9.63 -18.82
C SER A 110 34.58 10.81 -17.89
N MET A 111 35.45 11.81 -17.89
CA MET A 111 35.18 13.02 -17.10
C MET A 111 34.04 13.85 -17.67
N ARG A 112 33.15 14.27 -16.78
CA ARG A 112 31.96 15.05 -17.12
C ARG A 112 32.29 16.19 -18.09
N ASP A 113 33.32 16.96 -17.75
CA ASP A 113 33.83 18.05 -18.59
C ASP A 113 35.10 17.57 -19.28
N LYS A 114 35.02 17.33 -20.58
CA LYS A 114 36.19 16.83 -21.30
C LYS A 114 37.39 17.80 -21.33
N SER A 115 37.15 19.07 -21.03
CA SER A 115 38.24 20.04 -21.04
C SER A 115 39.22 19.80 -19.88
N LYS A 116 38.67 19.55 -18.69
CA LYS A 116 39.47 19.32 -17.49
C LYS A 116 40.29 18.04 -17.62
N GLU A 117 39.77 17.12 -18.42
CA GLU A 117 40.40 15.82 -18.62
C GLU A 117 41.78 15.97 -19.25
N SER A 118 41.85 16.81 -20.26
CA SER A 118 43.04 16.99 -21.07
C SER A 118 44.23 17.47 -20.22
N ALA A 119 43.92 18.03 -19.06
CA ALA A 119 44.92 18.54 -18.12
C ALA A 119 45.51 17.47 -17.20
N HIS A 120 44.66 16.53 -16.74
CA HIS A 120 45.11 15.47 -15.84
C HIS A 120 45.88 14.38 -16.58
N ARG A 121 45.80 14.38 -17.91
CA ARG A 121 46.38 13.32 -18.75
C ARG A 121 47.85 13.08 -18.47
N GLY A 122 48.22 11.82 -18.26
CA GLY A 122 49.60 11.48 -17.95
C GLY A 122 49.94 11.61 -16.46
N LYS A 123 49.42 12.66 -15.83
CA LYS A 123 49.66 12.92 -14.42
C LYS A 123 49.36 11.68 -13.58
N ALA A 124 49.99 11.58 -12.42
CA ALA A 124 49.83 10.43 -11.53
C ALA A 124 48.42 10.39 -10.97
N ASN A 125 47.94 9.18 -10.70
CA ASN A 125 46.58 8.92 -10.17
C ASN A 125 45.43 9.08 -11.18
N TRP A 126 45.80 9.38 -12.43
CA TRP A 126 44.85 9.57 -13.51
C TRP A 126 45.27 8.78 -14.74
N GLU A 127 45.98 7.68 -14.52
CA GLU A 127 46.56 6.94 -15.64
C GLU A 127 45.51 6.30 -16.52
N HIS A 128 44.30 6.14 -16.01
CA HIS A 128 43.24 5.47 -16.76
C HIS A 128 42.77 6.29 -17.95
N LEU A 129 43.09 7.59 -17.97
CA LEU A 129 42.69 8.46 -19.08
C LEU A 129 43.39 8.08 -20.37
N GLU A 130 44.45 7.31 -20.25
CA GLU A 130 45.17 6.84 -21.42
C GLU A 130 44.42 5.66 -22.02
N ASP A 131 43.59 5.02 -21.21
CA ASP A 131 42.78 3.90 -21.66
C ASP A 131 41.51 4.39 -22.36
N ASP A 132 40.88 3.54 -23.16
CA ASP A 132 39.58 3.84 -23.75
C ASP A 132 38.48 3.83 -22.69
N LEU A 133 37.35 4.45 -23.00
CA LEU A 133 36.20 4.48 -22.11
C LEU A 133 35.80 3.07 -21.73
N HIS A 134 35.77 2.80 -20.43
CA HIS A 134 35.37 1.48 -19.94
C HIS A 134 34.57 1.60 -18.68
N VAL A 135 33.80 0.55 -18.37
CA VAL A 135 33.20 0.43 -17.06
C VAL A 135 34.02 -0.60 -16.28
N LEU A 136 34.40 -0.27 -15.05
CA LEU A 136 34.90 -1.29 -14.12
C LEU A 136 33.75 -1.78 -13.23
N VAL A 137 33.59 -3.10 -13.15
CA VAL A 137 32.64 -3.69 -12.24
C VAL A 137 33.44 -4.39 -11.16
N GLN A 138 33.15 -4.09 -9.90
CA GLN A 138 33.97 -4.62 -8.82
C GLN A 138 33.17 -5.13 -7.64
N CYS A 139 33.50 -6.35 -7.20
CA CYS A 139 32.84 -7.01 -6.07
C CYS A 139 33.88 -7.52 -5.08
N GLU A 140 33.55 -7.41 -3.81
CA GLU A 140 34.39 -7.99 -2.78
C GLU A 140 33.51 -8.76 -1.82
N ASP A 141 33.67 -10.08 -1.79
CA ASP A 141 32.92 -10.92 -0.86
C ASP A 141 33.73 -12.18 -0.64
N THR A 142 33.13 -13.23 -0.09
CA THR A 142 33.90 -14.45 0.12
C THR A 142 33.80 -15.36 -1.06
N GLU A 143 34.81 -16.21 -1.21
CA GLU A 143 35.02 -17.09 -2.34
C GLU A 143 33.73 -17.69 -2.93
N ASN A 144 32.74 -17.95 -2.08
CA ASN A 144 31.50 -18.61 -2.48
C ASN A 144 30.34 -17.66 -2.81
N ARG A 145 30.60 -16.36 -2.72
CA ARG A 145 29.61 -15.35 -3.06
C ARG A 145 30.10 -14.38 -4.13
N VAL A 146 31.37 -14.01 -4.06
CA VAL A 146 31.88 -12.92 -4.89
C VAL A 146 31.63 -13.12 -6.40
N HIS A 147 31.82 -14.33 -6.89
CA HIS A 147 31.64 -14.58 -8.32
C HIS A 147 30.17 -14.58 -8.75
N ILE A 148 29.29 -14.99 -7.85
CA ILE A 148 27.85 -14.95 -8.13
C ILE A 148 27.44 -13.51 -8.34
N LYS A 149 27.79 -12.66 -7.38
CA LYS A 149 27.50 -11.25 -7.44
C LYS A 149 28.04 -10.64 -8.74
N LEU A 150 29.30 -10.92 -9.03
CA LEU A 150 29.98 -10.31 -10.16
C LEU A 150 29.22 -10.61 -11.43
N GLN A 151 29.02 -11.90 -11.68
CA GLN A 151 28.27 -12.33 -12.86
C GLN A 151 26.86 -11.72 -12.98
N ALA A 152 26.30 -11.35 -11.85
CA ALA A 152 24.99 -10.73 -11.85
C ALA A 152 25.13 -9.32 -12.37
N ALA A 153 26.11 -8.59 -11.84
CA ALA A 153 26.37 -7.22 -12.28
C ALA A 153 26.92 -7.16 -13.72
N LEU A 154 27.77 -8.11 -14.10
CA LEU A 154 28.28 -8.15 -15.46
C LEU A 154 27.13 -8.27 -16.46
N GLU A 155 26.18 -9.15 -16.15
CA GLU A 155 25.10 -9.38 -17.07
C GLU A 155 24.27 -8.11 -17.26
N GLN A 156 24.15 -7.32 -16.21
CA GLN A 156 23.44 -6.03 -16.29
C GLN A 156 24.21 -4.92 -17.01
N VAL A 157 25.48 -4.73 -16.67
CA VAL A 157 26.32 -3.74 -17.35
C VAL A 157 26.45 -4.05 -18.86
N LYS A 158 26.56 -5.32 -19.19
CA LYS A 158 26.57 -5.70 -20.58
C LYS A 158 25.24 -5.36 -21.28
N LYS A 159 24.11 -5.55 -20.61
CA LYS A 159 22.80 -5.21 -21.21
C LYS A 159 22.74 -3.71 -21.52
N LEU A 160 23.30 -2.91 -20.62
CA LEU A 160 23.31 -1.46 -20.74
C LEU A 160 24.30 -0.92 -21.76
N LEU A 161 25.22 -1.77 -22.22
CA LEU A 161 26.14 -1.40 -23.27
C LEU A 161 25.60 -1.87 -24.64
N ILE A 162 24.35 -2.31 -24.65
CA ILE A 162 23.69 -2.56 -25.92
C ILE A 162 22.71 -1.44 -26.11
N PRO A 163 22.95 -0.59 -27.11
CA PRO A 163 22.10 0.58 -27.28
C PRO A 163 20.70 0.16 -27.72
N ALA A 164 19.67 0.86 -27.26
CA ALA A 164 18.30 0.49 -27.62
C ALA A 164 17.82 1.35 -28.77
N PRO A 165 17.16 0.71 -29.75
CA PRO A 165 16.59 1.41 -30.91
C PRO A 165 15.58 2.45 -30.46
N GLU A 166 15.40 3.48 -31.28
CA GLU A 166 14.54 4.62 -30.98
C GLU A 166 13.13 4.26 -30.49
N GLY A 167 12.75 4.75 -29.32
CA GLY A 167 11.40 4.58 -28.82
C GLY A 167 11.11 3.23 -28.17
N THR A 168 12.16 2.52 -27.79
CA THR A 168 12.00 1.28 -27.06
C THR A 168 12.69 1.33 -25.69
N ASP A 169 13.42 2.42 -25.44
CA ASP A 169 14.21 2.57 -24.22
C ASP A 169 13.38 2.97 -22.99
N GLU A 170 12.76 1.97 -22.38
CA GLU A 170 11.92 2.20 -21.21
C GLU A 170 12.75 2.78 -20.04
N LEU A 171 13.98 2.31 -19.91
CA LEU A 171 14.86 2.75 -18.84
C LEU A 171 15.18 4.22 -19.01
N LYS A 172 15.60 4.57 -20.22
CA LYS A 172 16.02 5.93 -20.52
C LYS A 172 14.86 6.89 -20.31
N ARG A 173 13.68 6.52 -20.78
CA ARG A 173 12.52 7.39 -20.69
C ARG A 173 12.20 7.75 -19.25
N LYS A 174 12.17 6.74 -18.38
CA LYS A 174 11.95 7.00 -16.95
C LYS A 174 13.01 7.96 -16.44
N GLN A 175 14.25 7.81 -16.91
CA GLN A 175 15.33 8.67 -16.44
C GLN A 175 15.14 10.11 -16.87
N LEU A 176 14.70 10.29 -18.09
CA LEU A 176 14.64 11.62 -18.66
C LEU A 176 13.44 12.34 -18.08
N MET A 177 12.35 11.59 -17.95
CA MET A 177 11.13 12.06 -17.30
C MET A 177 11.39 12.61 -15.89
N GLU A 178 12.05 11.82 -15.05
CA GLU A 178 12.49 12.25 -13.73
C GLU A 178 13.42 13.46 -13.80
N LEU A 179 14.24 13.50 -14.83
CA LEU A 179 15.23 14.55 -14.94
C LEU A 179 14.53 15.85 -15.28
N ALA A 180 13.49 15.75 -16.11
CA ALA A 180 12.73 16.93 -16.52
C ALA A 180 12.09 17.55 -15.27
N ILE A 181 11.57 16.67 -14.42
CA ILE A 181 11.02 17.09 -13.16
C ILE A 181 12.06 17.74 -12.24
N ILE A 182 13.20 17.08 -12.02
CA ILE A 182 14.31 17.65 -11.25
C ILE A 182 14.72 19.08 -11.62
N ASN A 183 15.13 19.32 -12.86
CA ASN A 183 15.56 20.67 -13.23
C ASN A 183 14.59 21.52 -14.06
N GLY A 184 13.31 21.13 -14.10
CA GLY A 184 12.30 21.94 -14.74
C GLY A 184 11.36 22.56 -13.72
N THR A 185 11.21 21.84 -12.60
CA THR A 185 10.36 22.28 -11.48
C THR A 185 11.20 22.77 -10.31
N TYR A 186 10.53 23.36 -9.31
CA TYR A 186 11.21 23.94 -8.15
C TYR A 186 11.68 22.91 -7.13
N ARG A 187 12.01 23.38 -5.94
CA ARG A 187 12.53 22.54 -4.85
C ARG A 187 11.55 21.50 -4.27
N PRO A 188 10.28 21.88 -3.99
CA PRO A 188 9.36 20.90 -3.39
C PRO A 188 9.02 19.68 -4.25
N MET A 189 9.38 19.69 -5.53
CA MET A 189 9.06 18.57 -6.44
C MET A 189 10.27 17.71 -6.86
N LYS A 190 11.47 18.30 -6.79
CA LYS A 190 12.71 17.56 -7.07
C LYS A 190 13.30 16.92 -5.79
N SER A 191 13.76 15.68 -5.92
CA SER A 191 14.21 14.85 -4.78
C SER A 191 13.09 14.61 -3.76
N SER B 1 4.54 0.93 8.79
CA SER B 1 3.25 1.39 9.28
C SER B 1 3.40 1.88 10.70
N HIS B 2 2.79 3.03 11.00
CA HIS B 2 2.72 3.54 12.38
C HIS B 2 1.97 2.51 13.21
N GLU B 3 2.36 2.36 14.49
CA GLU B 3 1.70 1.37 15.34
C GLU B 3 0.25 1.75 15.60
N ALA B 4 -0.64 0.78 15.51
CA ALA B 4 -2.04 1.07 15.66
C ALA B 4 -2.45 1.04 17.14
N THR B 5 -2.55 2.24 17.71
CA THR B 5 -3.02 2.38 19.08
C THR B 5 -4.23 3.29 19.05
N VAL B 6 -5.01 3.28 20.13
CA VAL B 6 -6.19 4.14 20.24
C VAL B 6 -5.80 5.61 20.34
N GLU B 7 -4.60 5.88 20.86
CA GLU B 7 -4.09 7.24 20.95
C GLU B 7 -3.83 7.83 19.56
N TYR B 8 -3.29 7.00 18.69
CA TYR B 8 -3.03 7.36 17.31
C TYR B 8 -4.34 7.57 16.56
N LEU B 9 -5.24 6.59 16.62
CA LEU B 9 -6.53 6.72 15.93
C LEU B 9 -7.22 8.03 16.29
N ALA B 10 -7.24 8.35 17.58
CA ALA B 10 -7.74 9.62 18.07
C ALA B 10 -7.06 10.78 17.33
N ASP B 11 -5.73 10.79 17.37
CA ASP B 11 -4.93 11.81 16.68
C ASP B 11 -5.32 11.95 15.19
N LEU B 12 -5.46 10.83 14.49
CA LEU B 12 -5.90 10.86 13.10
C LEU B 12 -7.30 11.46 12.95
N VAL B 13 -8.18 11.15 13.89
CA VAL B 13 -9.56 11.63 13.88
C VAL B 13 -9.64 13.17 14.07
N LYS B 14 -8.75 13.66 14.93
CA LYS B 14 -8.55 15.09 15.18
C LYS B 14 -8.16 15.82 13.90
N GLU B 15 -7.13 15.29 13.22
CA GLU B 15 -6.67 15.84 11.96
C GLU B 15 -7.77 15.84 10.89
N LYS B 16 -8.45 14.71 10.71
CA LYS B 16 -9.56 14.66 9.76
C LYS B 16 -10.59 15.76 10.00
N LYS B 17 -10.86 16.06 11.28
CA LYS B 17 -11.80 17.13 11.62
C LYS B 17 -11.26 18.51 11.24
N HIS B 18 -9.99 18.78 11.53
CA HIS B 18 -9.38 20.05 11.14
C HIS B 18 -9.42 20.23 9.61
N LEU B 19 -9.23 19.12 8.87
CA LEU B 19 -9.29 19.14 7.41
C LEU B 19 -10.64 19.58 6.84
N THR B 20 -11.70 19.54 7.64
CA THR B 20 -13.01 19.98 7.17
C THR B 20 -12.99 21.47 6.82
N LEU B 21 -12.08 22.21 7.46
CA LEU B 21 -11.94 23.64 7.20
C LEU B 21 -11.40 23.99 5.79
N PHE B 22 -10.64 23.09 5.16
CA PHE B 22 -10.22 23.28 3.76
C PHE B 22 -11.02 22.36 2.84
N PRO B 23 -12.10 22.86 2.24
CA PRO B 23 -13.00 22.04 1.40
C PRO B 23 -12.38 21.38 0.18
N HIS B 24 -11.38 22.01 -0.45
CA HIS B 24 -10.84 21.45 -1.70
C HIS B 24 -9.32 21.31 -1.77
N MET B 25 -8.65 21.98 -0.86
CA MET B 25 -7.21 22.08 -0.92
C MET B 25 -6.50 20.72 -0.76
N PHE B 26 -7.10 19.82 0.00
CA PHE B 26 -6.44 18.55 0.31
C PHE B 26 -7.25 17.28 -0.04
N SER B 27 -7.89 17.26 -1.20
CA SER B 27 -8.65 16.09 -1.66
C SER B 27 -7.92 14.75 -1.49
N ASN B 28 -6.70 14.66 -2.02
CA ASN B 28 -5.91 13.42 -1.94
C ASN B 28 -5.51 13.12 -0.51
N VAL B 29 -5.11 14.14 0.22
CA VAL B 29 -4.78 13.99 1.62
C VAL B 29 -5.98 13.43 2.44
N GLU B 30 -7.19 13.92 2.18
CA GLU B 30 -8.35 13.38 2.90
C GLU B 30 -8.53 11.89 2.61
N ARG B 31 -8.37 11.50 1.35
CA ARG B 31 -8.55 10.10 0.99
C ARG B 31 -7.48 9.23 1.66
N LEU B 32 -6.24 9.71 1.66
CA LEU B 32 -5.13 8.99 2.28
C LEU B 32 -5.31 8.90 3.79
N LEU B 33 -5.77 9.98 4.41
CA LEU B 33 -6.04 9.93 5.85
C LEU B 33 -7.18 8.95 6.17
N ASP B 34 -8.18 8.87 5.30
CA ASP B 34 -9.23 7.88 5.49
C ASP B 34 -8.67 6.45 5.43
N ASP B 35 -7.78 6.19 4.46
CA ASP B 35 -7.24 4.84 4.29
C ASP B 35 -6.55 4.39 5.56
N GLU B 36 -5.83 5.32 6.19
CA GLU B 36 -5.04 5.06 7.37
C GLU B 36 -5.94 4.92 8.61
N ILE B 37 -6.93 5.81 8.73
CA ILE B 37 -7.94 5.70 9.79
C ILE B 37 -8.54 4.31 9.73
N GLY B 38 -9.01 3.91 8.55
CA GLY B 38 -9.54 2.58 8.35
C GLY B 38 -8.60 1.46 8.75
N ARG B 39 -7.34 1.57 8.32
CA ARG B 39 -6.38 0.52 8.57
C ARG B 39 -6.21 0.27 10.06
N VAL B 40 -6.17 1.37 10.81
CA VAL B 40 -5.94 1.34 12.24
C VAL B 40 -7.19 0.83 12.96
N ARG B 41 -8.35 1.30 12.50
CA ARG B 41 -9.65 0.88 13.00
C ARG B 41 -9.76 -0.63 12.94
N VAL B 42 -9.35 -1.18 11.81
CA VAL B 42 -9.41 -2.63 11.65
C VAL B 42 -8.44 -3.33 12.59
N ALA B 43 -7.23 -2.81 12.71
CA ALA B 43 -6.24 -3.40 13.59
C ALA B 43 -6.70 -3.47 15.04
N LEU B 44 -7.38 -2.43 15.52
CA LEU B 44 -7.79 -2.35 16.93
C LEU B 44 -9.06 -3.14 17.24
N PHE B 45 -9.99 -3.19 16.30
CA PHE B 45 -11.35 -3.62 16.64
C PHE B 45 -11.89 -4.78 15.82
N GLN B 46 -11.15 -5.24 14.83
CA GLN B 46 -11.63 -6.35 14.02
C GLN B 46 -11.73 -7.63 14.82
N THR B 47 -12.90 -8.27 14.76
CA THR B 47 -13.10 -9.59 15.33
C THR B 47 -12.36 -10.63 14.48
N GLU B 48 -11.88 -11.68 15.13
CA GLU B 48 -11.16 -12.74 14.43
C GLU B 48 -12.08 -13.91 14.12
N PHE B 49 -12.53 -14.00 12.87
CA PHE B 49 -13.41 -15.08 12.45
C PHE B 49 -12.63 -16.24 11.85
N PRO B 50 -12.90 -17.50 12.41
CA PRO B 50 -12.11 -18.58 11.78
C PRO B 50 -12.31 -18.61 10.26
N ARG B 51 -11.20 -18.53 9.52
CA ARG B 51 -11.26 -18.55 8.06
C ARG B 51 -11.76 -19.90 7.55
N VAL B 52 -13.01 -19.94 7.13
CA VAL B 52 -13.61 -21.16 6.60
C VAL B 52 -12.89 -21.63 5.35
N GLU B 53 -12.91 -22.94 5.11
CA GLU B 53 -12.26 -23.52 3.93
C GLU B 53 -13.23 -23.84 2.80
N LEU B 54 -12.84 -23.49 1.58
CA LEU B 54 -13.74 -23.53 0.43
C LEU B 54 -13.31 -24.37 -0.78
N PRO B 55 -14.08 -25.44 -1.06
CA PRO B 55 -14.00 -26.19 -2.33
C PRO B 55 -14.14 -25.28 -3.55
N GLU B 56 -13.64 -25.72 -4.68
CA GLU B 56 -13.73 -24.94 -5.89
C GLU B 56 -15.15 -24.98 -6.36
N PRO B 57 -15.59 -23.96 -7.08
CA PRO B 57 -16.99 -23.93 -7.44
C PRO B 57 -17.33 -25.07 -8.33
N ALA B 58 -18.29 -25.86 -7.89
CA ALA B 58 -18.77 -26.97 -8.65
C ALA B 58 -20.22 -27.20 -8.36
N GLY B 59 -21.05 -27.14 -9.37
CA GLY B 59 -22.43 -27.50 -9.17
C GLY B 59 -23.35 -26.44 -9.70
N ASP B 60 -24.63 -26.54 -9.31
CA ASP B 60 -25.60 -25.54 -9.70
C ASP B 60 -25.54 -24.36 -8.74
N MET B 61 -25.77 -23.15 -9.28
CA MET B 61 -25.89 -21.95 -8.46
C MET B 61 -27.08 -22.07 -7.52
N ILE B 62 -26.85 -21.77 -6.25
CA ILE B 62 -27.92 -21.85 -5.26
C ILE B 62 -27.99 -20.57 -4.43
N SER B 63 -29.15 -19.92 -4.39
CA SER B 63 -29.34 -18.80 -3.47
C SER B 63 -30.27 -19.20 -2.34
N ILE B 64 -29.78 -19.09 -1.11
CA ILE B 64 -30.56 -19.51 0.04
C ILE B 64 -30.60 -18.41 1.11
N THR B 65 -31.77 -18.24 1.71
CA THR B 65 -31.95 -17.26 2.76
C THR B 65 -32.63 -17.91 3.96
N GLU B 66 -31.99 -17.81 5.12
CA GLU B 66 -32.53 -18.38 6.36
C GLU B 66 -32.97 -17.28 7.32
N LYS B 67 -34.14 -17.47 7.94
CA LYS B 67 -34.65 -16.50 8.90
C LYS B 67 -34.47 -16.97 10.34
N ILE B 68 -33.87 -16.12 11.17
CA ILE B 68 -33.65 -16.43 12.57
C ILE B 68 -34.29 -15.34 13.42
N TYR B 69 -35.33 -15.70 14.16
CA TYR B 69 -36.00 -14.75 15.05
C TYR B 69 -35.12 -14.44 16.24
N VAL B 70 -35.16 -13.22 16.72
CA VAL B 70 -34.37 -12.89 17.91
C VAL B 70 -35.27 -13.00 19.13
N PRO B 71 -34.76 -13.61 20.21
CA PRO B 71 -35.57 -13.86 21.41
C PRO B 71 -35.89 -12.57 22.15
N LYS B 72 -36.63 -11.67 21.49
CA LYS B 72 -36.79 -10.33 22.03
C LYS B 72 -37.66 -10.41 23.27
N ASN B 73 -38.57 -11.37 23.27
CA ASN B 73 -39.42 -11.62 24.43
C ASN B 73 -38.63 -12.01 25.69
N GLU B 74 -37.86 -13.09 25.59
CA GLU B 74 -37.09 -13.59 26.75
C GLU B 74 -36.11 -12.55 27.28
N TYR B 75 -35.69 -11.63 26.42
CA TYR B 75 -34.74 -10.59 26.83
C TYR B 75 -35.16 -9.23 26.29
N PRO B 76 -36.21 -8.63 26.88
CA PRO B 76 -36.91 -7.43 26.40
C PRO B 76 -36.12 -6.14 26.50
N ASP B 77 -34.95 -6.17 27.12
CA ASP B 77 -34.14 -4.97 27.24
C ASP B 77 -32.84 -5.07 26.49
N TYR B 78 -32.50 -6.30 26.07
CA TYR B 78 -31.26 -6.51 25.35
C TYR B 78 -31.35 -5.96 23.95
N ASN B 79 -30.49 -4.98 23.68
CA ASN B 79 -30.26 -4.44 22.34
C ASN B 79 -29.51 -5.47 21.52
N PHE B 80 -30.26 -6.33 20.82
CA PHE B 80 -29.69 -7.37 19.99
C PHE B 80 -29.23 -6.79 18.65
N VAL B 81 -30.03 -5.89 18.10
CA VAL B 81 -29.76 -5.30 16.80
C VAL B 81 -28.50 -4.48 16.86
N GLY B 82 -28.43 -3.58 17.83
CA GLY B 82 -27.28 -2.71 17.99
C GLY B 82 -25.99 -3.50 18.02
N ARG B 83 -26.02 -4.70 18.61
CA ARG B 83 -24.81 -5.48 18.78
C ARG B 83 -24.47 -6.26 17.52
N ILE B 84 -25.50 -6.59 16.75
CA ILE B 84 -25.30 -7.32 15.51
C ILE B 84 -24.73 -6.39 14.45
N LEU B 85 -25.31 -5.19 14.35
CA LEU B 85 -24.89 -4.20 13.37
C LEU B 85 -23.53 -3.60 13.68
N GLY B 86 -23.37 -3.05 14.89
CA GLY B 86 -22.09 -2.49 15.29
C GLY B 86 -21.99 -1.02 14.92
N PRO B 87 -20.83 -0.40 15.21
CA PRO B 87 -20.69 1.03 14.89
C PRO B 87 -20.59 1.20 13.39
N ARG B 88 -21.50 1.99 12.83
CA ARG B 88 -21.59 2.19 11.38
C ARG B 88 -21.85 0.88 10.63
N GLY B 89 -22.46 -0.09 11.29
CA GLY B 89 -22.76 -1.36 10.66
C GLY B 89 -21.51 -2.19 10.38
N MET B 90 -20.37 -1.76 10.93
CA MET B 90 -19.08 -2.39 10.62
C MET B 90 -18.97 -3.83 11.09
N THR B 91 -19.69 -4.15 12.16
CA THR B 91 -19.68 -5.50 12.70
C THR B 91 -20.41 -6.40 11.70
N ALA B 92 -21.60 -5.98 11.29
CA ALA B 92 -22.39 -6.74 10.33
C ALA B 92 -21.64 -6.84 9.00
N LYS B 93 -21.11 -5.70 8.52
CA LYS B 93 -20.34 -5.65 7.28
C LYS B 93 -19.18 -6.63 7.28
N GLN B 94 -18.49 -6.74 8.42
CA GLN B 94 -17.35 -7.63 8.49
C GLN B 94 -17.78 -9.08 8.48
N LEU B 95 -18.87 -9.38 9.20
CA LEU B 95 -19.45 -10.73 9.15
C LEU B 95 -19.82 -11.08 7.72
N GLU B 96 -20.34 -10.08 6.98
CA GLU B 96 -20.72 -10.27 5.59
C GLU B 96 -19.49 -10.67 4.81
N GLN B 97 -18.42 -9.91 5.02
CA GLN B 97 -17.20 -10.06 4.25
C GLN B 97 -16.50 -11.37 4.56
N ASP B 98 -16.59 -11.81 5.82
CA ASP B 98 -15.86 -12.99 6.28
C ASP B 98 -16.55 -14.29 5.90
N THR B 99 -17.83 -14.20 5.57
CA THR B 99 -18.63 -15.40 5.29
C THR B 99 -19.24 -15.41 3.89
N GLY B 100 -19.12 -14.30 3.17
CA GLY B 100 -19.67 -14.19 1.84
C GLY B 100 -21.18 -14.03 1.84
N CYS B 101 -21.74 -13.84 3.03
CA CYS B 101 -23.18 -13.75 3.17
C CYS B 101 -23.67 -12.31 3.28
N LYS B 102 -24.98 -12.13 3.15
CA LYS B 102 -25.61 -10.83 3.35
C LYS B 102 -26.45 -10.94 4.63
N ILE B 103 -26.36 -9.93 5.49
CA ILE B 103 -27.11 -9.91 6.74
C ILE B 103 -28.12 -8.78 6.75
N MET B 104 -29.40 -9.13 6.88
CA MET B 104 -30.43 -8.10 6.98
C MET B 104 -31.31 -8.31 8.18
N VAL B 105 -31.44 -7.25 8.99
CA VAL B 105 -32.26 -7.26 10.19
C VAL B 105 -33.65 -6.72 9.87
N ARG B 106 -34.65 -7.58 10.00
CA ARG B 106 -36.01 -7.27 9.58
C ARG B 106 -37.02 -7.51 10.71
N GLY B 107 -38.28 -7.16 10.45
CA GLY B 107 -39.35 -7.40 11.41
C GLY B 107 -39.86 -6.16 12.13
N LYS B 108 -40.73 -6.37 13.12
CA LYS B 108 -41.24 -5.27 13.94
C LYS B 108 -40.13 -4.82 14.88
N GLY B 109 -39.89 -3.52 14.95
CA GLY B 109 -38.83 -2.98 15.78
C GLY B 109 -37.53 -2.78 14.99
N SER B 110 -37.45 -3.40 13.82
CA SER B 110 -36.24 -3.37 13.01
C SER B 110 -35.82 -1.98 12.57
N MET B 111 -36.79 -1.10 12.29
CA MET B 111 -36.43 0.25 11.85
C MET B 111 -35.91 1.13 12.99
N ARG B 112 -34.88 1.93 12.67
CA ARG B 112 -34.26 2.86 13.62
C ARG B 112 -35.30 3.63 14.44
N ASP B 113 -36.14 4.40 13.74
CA ASP B 113 -37.24 5.16 14.35
C ASP B 113 -38.57 4.43 14.18
N LYS B 114 -39.00 3.70 15.22
CA LYS B 114 -40.25 2.94 15.19
C LYS B 114 -41.48 3.78 14.83
N SER B 115 -41.32 5.10 14.87
CA SER B 115 -42.35 6.04 14.45
C SER B 115 -42.66 5.82 12.97
N LYS B 116 -41.65 5.36 12.24
CA LYS B 116 -41.74 5.19 10.80
C LYS B 116 -42.36 3.85 10.38
N GLU B 117 -42.20 2.82 11.21
CA GLU B 117 -42.75 1.51 10.90
C GLU B 117 -44.26 1.61 10.78
N SER B 118 -44.83 2.38 11.70
CA SER B 118 -46.25 2.71 11.70
C SER B 118 -46.69 3.18 10.33
N ALA B 119 -45.93 4.13 9.78
CA ALA B 119 -46.19 4.71 8.46
C ALA B 119 -46.11 3.70 7.31
N HIS B 120 -45.36 2.64 7.54
CA HIS B 120 -45.16 1.66 6.50
C HIS B 120 -45.84 0.37 6.78
N ARG B 121 -46.21 0.16 8.03
CA ARG B 121 -46.79 -1.11 8.35
C ARG B 121 -47.98 -1.29 7.46
N GLY B 122 -48.07 -2.45 6.85
CA GLY B 122 -49.20 -2.78 6.02
C GLY B 122 -49.05 -2.36 4.58
N LYS B 123 -48.14 -1.43 4.35
CA LYS B 123 -47.80 -0.98 2.99
C LYS B 123 -47.18 -2.13 2.17
N ALA B 124 -46.89 -1.86 0.89
CA ALA B 124 -46.24 -2.87 0.04
C ALA B 124 -44.73 -2.75 0.18
N ASN B 125 -44.02 -3.85 -0.07
CA ASN B 125 -42.57 -3.94 0.13
C ASN B 125 -42.12 -3.78 1.59
N TRP B 126 -43.08 -3.79 2.50
CA TRP B 126 -42.80 -3.61 3.91
C TRP B 126 -43.49 -4.69 4.72
N GLU B 127 -43.87 -5.76 4.03
CA GLU B 127 -44.64 -6.84 4.65
C GLU B 127 -43.87 -7.59 5.73
N HIS B 128 -42.56 -7.37 5.82
CA HIS B 128 -41.75 -8.02 6.84
C HIS B 128 -42.01 -7.39 8.21
N LEU B 129 -42.71 -6.26 8.22
CA LEU B 129 -43.00 -5.56 9.48
C LEU B 129 -44.14 -6.24 10.25
N GLU B 130 -44.91 -7.06 9.52
CA GLU B 130 -46.00 -7.85 10.10
C GLU B 130 -45.44 -9.11 10.74
N ASP B 131 -44.11 -9.16 10.85
CA ASP B 131 -43.41 -10.32 11.39
C ASP B 131 -42.60 -9.86 12.61
N ASP B 132 -42.08 -10.82 13.34
CA ASP B 132 -41.29 -10.51 14.49
C ASP B 132 -39.89 -10.13 14.10
N LEU B 133 -39.21 -9.40 14.95
CA LEU B 133 -37.87 -9.03 14.62
C LEU B 133 -37.11 -10.31 14.39
N HIS B 134 -36.41 -10.35 13.28
CA HIS B 134 -35.62 -11.50 12.86
C HIS B 134 -34.41 -11.09 12.02
N VAL B 135 -33.48 -12.01 11.82
CA VAL B 135 -32.32 -11.77 10.96
C VAL B 135 -32.37 -12.68 9.75
N LEU B 136 -32.44 -12.08 8.55
CA LEU B 136 -32.25 -12.86 7.35
C LEU B 136 -30.76 -13.04 7.10
N VAL B 137 -30.36 -14.28 6.87
CA VAL B 137 -28.98 -14.59 6.53
C VAL B 137 -29.00 -15.25 5.17
N GLN B 138 -28.29 -14.64 4.21
CA GLN B 138 -28.40 -15.09 2.83
C GLN B 138 -27.07 -15.26 2.11
N CYS B 139 -26.86 -16.40 1.44
CA CYS B 139 -25.68 -16.62 0.59
C CYS B 139 -26.07 -17.12 -0.79
N GLU B 140 -25.25 -16.81 -1.78
CA GLU B 140 -25.43 -17.35 -3.12
C GLU B 140 -24.07 -17.78 -3.70
N ASP B 141 -23.96 -19.06 -4.01
CA ASP B 141 -22.76 -19.62 -4.60
C ASP B 141 -23.17 -20.93 -5.28
N THR B 142 -22.20 -21.72 -5.72
CA THR B 142 -22.48 -23.07 -6.21
C THR B 142 -22.79 -23.95 -5.01
N GLU B 143 -23.25 -25.17 -5.25
CA GLU B 143 -23.74 -26.01 -4.16
C GLU B 143 -22.66 -26.40 -3.15
N ASN B 144 -21.45 -26.66 -3.64
CA ASN B 144 -20.38 -27.14 -2.78
C ASN B 144 -19.74 -26.05 -1.91
N ARG B 145 -20.24 -24.83 -2.03
CA ARG B 145 -19.70 -23.69 -1.28
C ARG B 145 -20.79 -23.00 -0.46
N VAL B 146 -21.94 -22.81 -1.09
CA VAL B 146 -23.03 -22.04 -0.49
C VAL B 146 -23.48 -22.50 0.91
N HIS B 147 -23.43 -23.81 1.18
CA HIS B 147 -23.83 -24.31 2.51
C HIS B 147 -22.72 -24.13 3.55
N ILE B 148 -21.48 -24.19 3.10
CA ILE B 148 -20.32 -23.96 3.97
C ILE B 148 -20.36 -22.52 4.47
N LYS B 149 -20.43 -21.61 3.50
CA LYS B 149 -20.54 -20.18 3.76
C LYS B 149 -21.71 -19.89 4.71
N LEU B 150 -22.88 -20.43 4.40
CA LEU B 150 -24.07 -20.12 5.17
C LEU B 150 -23.97 -20.56 6.63
N GLN B 151 -23.40 -21.74 6.86
CA GLN B 151 -23.23 -22.23 8.22
C GLN B 151 -22.30 -21.34 9.03
N ALA B 152 -21.26 -20.82 8.38
CA ALA B 152 -20.34 -19.87 9.01
C ALA B 152 -21.10 -18.67 9.56
N ALA B 153 -21.90 -18.04 8.71
CA ALA B 153 -22.68 -16.88 9.12
C ALA B 153 -23.76 -17.23 10.14
N LEU B 154 -24.46 -18.34 9.92
CA LEU B 154 -25.52 -18.77 10.83
C LEU B 154 -25.01 -19.03 12.24
N GLU B 155 -23.84 -19.68 12.31
CA GLU B 155 -23.22 -19.98 13.59
C GLU B 155 -23.01 -18.68 14.35
N GLN B 156 -22.46 -17.68 13.66
CA GLN B 156 -22.12 -16.41 14.27
C GLN B 156 -23.32 -15.53 14.62
N VAL B 157 -24.38 -15.61 13.83
CA VAL B 157 -25.61 -14.88 14.16
C VAL B 157 -26.27 -15.51 15.37
N LYS B 158 -26.19 -16.83 15.47
CA LYS B 158 -26.72 -17.55 16.62
C LYS B 158 -26.00 -17.11 17.90
N LYS B 159 -24.67 -17.11 17.87
CA LYS B 159 -23.86 -16.62 18.98
C LYS B 159 -24.29 -15.23 19.45
N LEU B 160 -24.44 -14.32 18.49
CA LEU B 160 -24.87 -12.95 18.77
C LEU B 160 -26.30 -12.85 19.29
N LEU B 161 -27.06 -13.94 19.14
CA LEU B 161 -28.44 -13.98 19.61
C LEU B 161 -28.56 -14.60 21.01
N ILE B 162 -27.42 -14.89 21.63
CA ILE B 162 -27.35 -15.24 23.04
C ILE B 162 -26.74 -14.06 23.79
N PRO B 163 -27.56 -13.36 24.57
CA PRO B 163 -27.10 -12.14 25.25
C PRO B 163 -25.93 -12.45 26.15
N ALA B 164 -25.14 -11.44 26.49
CA ALA B 164 -24.01 -11.64 27.38
C ALA B 164 -24.33 -11.02 28.73
N PRO B 165 -23.81 -11.63 29.81
CA PRO B 165 -23.96 -11.03 31.13
C PRO B 165 -23.30 -9.66 31.17
N GLU B 166 -23.69 -8.83 32.13
CA GLU B 166 -23.18 -7.47 32.27
C GLU B 166 -21.65 -7.41 32.29
N GLY B 167 -21.08 -6.36 31.71
CA GLY B 167 -19.66 -6.02 31.85
C GLY B 167 -18.64 -7.11 31.51
N THR B 168 -19.11 -8.18 30.88
CA THR B 168 -18.24 -9.20 30.33
C THR B 168 -18.37 -9.21 28.81
N ASP B 169 -19.09 -8.21 28.27
CA ASP B 169 -19.30 -8.17 26.83
C ASP B 169 -18.18 -7.38 26.16
N GLU B 170 -17.13 -8.11 25.77
CA GLU B 170 -15.94 -7.49 25.20
C GLU B 170 -16.24 -6.93 23.82
N LEU B 171 -17.18 -7.57 23.13
CA LEU B 171 -17.59 -7.10 21.82
C LEU B 171 -18.26 -5.73 21.95
N LYS B 172 -19.27 -5.65 22.80
CA LYS B 172 -19.97 -4.40 23.06
C LYS B 172 -19.03 -3.29 23.52
N ARG B 173 -17.97 -3.68 24.22
CA ARG B 173 -17.01 -2.71 24.75
C ARG B 173 -16.13 -2.18 23.62
N LYS B 174 -15.53 -3.08 22.84
CA LYS B 174 -14.85 -2.67 21.62
C LYS B 174 -15.72 -1.83 20.69
N GLN B 175 -17.00 -2.16 20.56
CA GLN B 175 -17.89 -1.45 19.64
C GLN B 175 -18.14 -0.02 20.05
N LEU B 176 -18.39 0.19 21.34
CA LEU B 176 -18.70 1.52 21.82
C LEU B 176 -17.42 2.33 22.01
N MET B 177 -16.27 1.66 22.07
CA MET B 177 -15.01 2.38 22.20
C MET B 177 -14.54 2.88 20.83
N GLU B 178 -14.71 2.06 19.78
CA GLU B 178 -14.51 2.51 18.40
C GLU B 178 -15.43 3.67 18.07
N LEU B 179 -16.71 3.48 18.33
CA LEU B 179 -17.71 4.52 18.12
C LEU B 179 -17.33 5.83 18.81
N ALA B 180 -16.82 5.77 20.05
CA ALA B 180 -16.41 6.96 20.81
C ALA B 180 -15.21 7.68 20.21
N ILE B 181 -14.18 6.93 19.83
CA ILE B 181 -12.95 7.49 19.30
C ILE B 181 -13.23 8.18 17.96
N ILE B 182 -14.02 7.50 17.13
CA ILE B 182 -14.37 7.99 15.80
C ILE B 182 -15.29 9.23 15.82
N ASN B 183 -16.23 9.29 16.76
CA ASN B 183 -17.03 10.50 16.91
C ASN B 183 -16.28 11.56 17.72
N GLY B 184 -15.07 11.22 18.15
CA GLY B 184 -14.20 12.13 18.88
C GLY B 184 -14.61 12.52 20.30
N THR B 185 -15.52 11.76 20.89
CA THR B 185 -15.95 11.97 22.27
C THR B 185 -14.93 11.38 23.23
N TYR B 186 -14.26 10.32 22.79
CA TYR B 186 -13.15 9.74 23.53
C TYR B 186 -11.84 10.06 22.79
N ARG B 187 -11.05 10.93 23.40
CA ARG B 187 -9.82 11.44 22.81
C ARG B 187 -8.60 11.12 23.68
N PRO B 188 -8.18 9.84 23.73
CA PRO B 188 -7.02 9.50 24.57
C PRO B 188 -5.66 10.01 24.04
N MET B 189 -4.94 10.75 24.87
CA MET B 189 -3.61 11.27 24.51
C MET B 189 -2.48 10.43 25.09
N LYS B 190 -2.86 9.35 25.77
CA LYS B 190 -1.93 8.53 26.55
C LYS B 190 -0.58 8.24 25.87
#